data_2EUM
#
_entry.id   2EUM
#
_cell.length_a   75.509
_cell.length_b   49.264
_cell.length_c   68.660
_cell.angle_alpha   90.00
_cell.angle_beta   122.57
_cell.angle_gamma   90.00
#
_symmetry.space_group_name_H-M   'C 1 2 1'
#
loop_
_entity.id
_entity.type
_entity.pdbx_description
1 polymer 'Glycolipid transfer protein'
2 branched beta-D-galactopyranose-(1-4)-beta-D-glucopyranose
3 non-polymer SPHINGOSINE
4 non-polymer 'OCTANOIC ACID (CAPRYLIC ACID)'
5 non-polymer N-OCTANE
6 non-polymer DECANE
7 water water
#
_entity_poly.entity_id   1
_entity_poly.type   'polypeptide(L)'
_entity_poly.pdbx_seq_one_letter_code
;MALLAEHLLKPLPADKQIETGPFLEAVSHLPPFFDCLGSPVFTPIKADISGNITKIKAVYDTNPAKFRTLQNILEVEKEM
YGAEWPKVGATLALMWLKRGLRFIQVFLQSICDGERDENHPNLIRVNATKAYEMALKKYHGWIVQKIFQAALYAAPYKSD
FLKALSKGQNVTEEECLEKIRLFLVNYTATIDVIYEMYTQMNAELNYKV
;
_entity_poly.pdbx_strand_id   A
#
loop_
_chem_comp.id
_chem_comp.type
_chem_comp.name
_chem_comp.formula
BGC D-saccharide, beta linking beta-D-glucopyranose 'C6 H12 O6'
D10 non-polymer DECANE 'C10 H22'
GAL D-saccharide, beta linking beta-D-galactopyranose 'C6 H12 O6'
OCA non-polymer 'OCTANOIC ACID (CAPRYLIC ACID)' 'C8 H16 O2'
OCT non-polymer N-OCTANE 'C8 H18'
SPH non-polymer SPHINGOSINE 'C18 H37 N O2'
#
# COMPACT_ATOMS: atom_id res chain seq x y z
N LEU A 4 -11.28 1.61 -9.22
CA LEU A 4 -9.94 0.95 -9.07
C LEU A 4 -9.32 0.65 -10.43
N ALA A 5 -10.18 0.29 -11.40
CA ALA A 5 -9.80 0.24 -12.82
C ALA A 5 -9.94 1.62 -13.49
N GLU A 6 -10.31 2.62 -12.68
CA GLU A 6 -10.41 4.02 -13.09
C GLU A 6 -9.10 4.79 -12.85
N HIS A 7 -8.30 4.30 -11.91
CA HIS A 7 -7.04 4.95 -11.54
C HIS A 7 -5.87 3.95 -11.52
N LEU A 8 -5.69 3.28 -12.65
CA LEU A 8 -4.60 2.33 -12.85
C LEU A 8 -3.24 3.02 -12.74
N LEU A 9 -2.29 2.29 -12.19
CA LEU A 9 -0.93 2.74 -12.19
C LEU A 9 -0.35 2.51 -13.57
N LYS A 10 0.49 3.44 -14.02
CA LYS A 10 1.21 3.30 -15.28
C LYS A 10 2.06 2.02 -15.23
N PRO A 11 2.29 1.39 -16.39
CA PRO A 11 3.24 0.28 -16.42
C PRO A 11 4.67 0.78 -16.19
N LEU A 12 5.51 -0.07 -15.64
CA LEU A 12 6.92 0.22 -15.53
C LEU A 12 7.54 0.58 -16.89
N PRO A 13 8.32 1.68 -16.95
CA PRO A 13 9.12 1.97 -18.14
C PRO A 13 10.23 0.93 -18.29
N ALA A 14 10.93 0.94 -19.43
CA ALA A 14 11.96 -0.06 -19.71
C ALA A 14 13.09 -0.05 -18.68
N ASP A 15 13.45 1.12 -18.17
CA ASP A 15 14.52 1.25 -17.17
C ASP A 15 14.08 0.97 -15.73
N LYS A 16 12.80 0.66 -15.56
CA LYS A 16 12.22 0.30 -14.26
C LYS A 16 12.32 1.42 -13.20
N GLN A 17 12.34 2.66 -13.69
CA GLN A 17 12.42 3.83 -12.83
C GLN A 17 11.03 4.42 -12.66
N ILE A 18 10.62 4.63 -11.41
CA ILE A 18 9.27 5.13 -11.15
C ILE A 18 9.24 6.65 -10.98
N GLU A 19 8.54 7.33 -11.90
CA GLU A 19 8.38 8.76 -11.80
C GLU A 19 7.55 9.14 -10.58
N THR A 20 8.09 10.05 -9.78
CA THR A 20 7.52 10.39 -8.49
C THR A 20 6.15 11.05 -8.62
N GLY A 21 6.07 12.07 -9.45
CA GLY A 21 4.84 12.84 -9.65
C GLY A 21 3.64 11.95 -9.93
N PRO A 22 3.62 11.29 -11.09
CA PRO A 22 2.61 10.28 -11.45
C PRO A 22 2.34 9.20 -10.40
N PHE A 23 3.38 8.69 -9.74
CA PHE A 23 3.22 7.70 -8.67
C PHE A 23 2.37 8.22 -7.49
N LEU A 24 2.68 9.42 -7.02
CA LEU A 24 1.97 10.01 -5.90
C LEU A 24 0.51 10.26 -6.24
N GLU A 25 0.25 10.80 -7.43
CA GLU A 25 -1.10 11.03 -7.91
C GLU A 25 -1.92 9.74 -7.92
N ALA A 26 -1.32 8.66 -8.42
CA ALA A 26 -1.98 7.36 -8.53
C ALA A 26 -2.42 6.83 -7.17
N VAL A 27 -1.47 6.71 -6.25
CA VAL A 27 -1.74 6.10 -4.95
C VAL A 27 -2.59 6.98 -4.01
N SER A 28 -2.67 8.27 -4.30
CA SER A 28 -3.49 9.16 -3.50
C SER A 28 -5.02 8.89 -3.66
N HIS A 29 -5.37 8.03 -4.62
CA HIS A 29 -6.76 7.62 -4.80
C HIS A 29 -7.09 6.45 -3.87
N LEU A 30 -6.07 5.86 -3.24
CA LEU A 30 -6.27 4.68 -2.40
C LEU A 30 -6.87 4.96 -1.00
N PRO A 31 -6.37 5.99 -0.27
CA PRO A 31 -6.95 6.31 1.04
C PRO A 31 -8.48 6.37 1.10
N PRO A 32 -9.16 7.09 0.17
CA PRO A 32 -10.64 7.12 0.15
C PRO A 32 -11.37 5.77 0.26
N PHE A 33 -10.82 4.70 -0.30
CA PHE A 33 -11.44 3.37 -0.19
C PHE A 33 -11.57 2.86 1.27
N PHE A 34 -10.78 3.44 2.18
CA PHE A 34 -10.88 3.13 3.61
C PHE A 34 -12.11 3.72 4.29
N ASP A 35 -12.68 4.77 3.71
CA ASP A 35 -13.87 5.42 4.29
C ASP A 35 -15.13 4.59 4.14
N CYS A 36 -15.09 3.65 3.20
CA CYS A 36 -16.26 2.89 2.80
C CYS A 36 -16.10 1.40 3.16
N LEU A 37 -15.16 1.15 4.07
CA LEU A 37 -15.09 -0.11 4.80
C LEU A 37 -16.05 -0.08 5.99
N GLY A 38 -16.73 1.07 6.15
CA GLY A 38 -17.84 1.23 7.08
C GLY A 38 -17.52 1.28 8.56
N SER A 39 -16.34 1.77 8.92
CA SER A 39 -15.90 1.79 10.31
C SER A 39 -14.91 2.93 10.58
N PRO A 40 -15.07 3.63 11.72
CA PRO A 40 -14.11 4.62 12.20
C PRO A 40 -12.77 4.01 12.62
N VAL A 41 -12.79 2.72 12.93
CA VAL A 41 -11.57 1.96 13.20
C VAL A 41 -10.49 2.16 12.10
N PHE A 42 -10.92 2.34 10.86
CA PHE A 42 -10.00 2.41 9.72
C PHE A 42 -9.38 3.79 9.48
N THR A 43 -9.85 4.79 10.22
CA THR A 43 -9.38 6.18 10.08
C THR A 43 -7.87 6.40 10.32
N PRO A 44 -7.30 5.83 11.41
CA PRO A 44 -5.85 5.89 11.65
C PRO A 44 -5.02 5.21 10.56
N ILE A 45 -5.61 4.20 9.92
CA ILE A 45 -4.97 3.49 8.84
C ILE A 45 -4.89 4.37 7.61
N LYS A 46 -6.02 5.01 7.27
CA LYS A 46 -6.07 6.03 6.22
C LYS A 46 -5.04 7.11 6.48
N ALA A 47 -5.04 7.63 7.71
CA ALA A 47 -4.18 8.72 8.13
C ALA A 47 -2.68 8.44 7.93
N ASP A 48 -2.27 7.19 8.19
CA ASP A 48 -0.89 6.80 8.07
C ASP A 48 -0.48 6.75 6.60
N ILE A 49 -1.38 6.24 5.76
CA ILE A 49 -1.06 6.11 4.35
C ILE A 49 -1.04 7.51 3.70
N SER A 50 -2.08 8.31 3.96
CA SER A 50 -2.14 9.70 3.51
C SER A 50 -0.93 10.49 3.93
N GLY A 51 -0.60 10.40 5.22
CA GLY A 51 0.45 11.19 5.80
C GLY A 51 1.78 10.90 5.12
N ASN A 52 2.04 9.63 4.84
CA ASN A 52 3.24 9.23 4.14
C ASN A 52 3.28 9.75 2.71
N ILE A 53 2.17 9.60 2.00
CA ILE A 53 2.03 10.17 0.66
C ILE A 53 2.31 11.69 0.69
N THR A 54 1.67 12.37 1.63
CA THR A 54 1.86 13.81 1.86
C THR A 54 3.31 14.20 2.20
N LYS A 55 3.98 13.41 3.05
CA LYS A 55 5.43 13.59 3.34
C LYS A 55 6.33 13.53 2.10
N ILE A 56 6.12 12.51 1.27
CA ILE A 56 6.89 12.36 0.02
C ILE A 56 6.59 13.46 -0.99
N LYS A 57 5.30 13.80 -1.13
CA LYS A 57 4.89 14.88 -2.00
C LYS A 57 5.61 16.19 -1.63
N ALA A 58 5.78 16.42 -0.35
CA ALA A 58 6.35 17.67 0.15
C ALA A 58 7.87 17.76 -0.10
N VAL A 59 8.55 16.62 -0.08
CA VAL A 59 9.96 16.54 -0.44
C VAL A 59 10.11 16.75 -1.94
N TYR A 60 9.28 16.05 -2.70
CA TYR A 60 9.20 16.20 -4.16
C TYR A 60 8.98 17.64 -4.61
N ASP A 61 8.02 18.32 -4.01
CA ASP A 61 7.67 19.69 -4.40
C ASP A 61 8.84 20.66 -4.26
N THR A 62 9.81 20.34 -3.40
CA THR A 62 10.95 21.25 -3.19
C THR A 62 11.91 21.28 -4.40
N ASN A 63 11.92 20.20 -5.18
CA ASN A 63 12.74 20.09 -6.37
C ASN A 63 12.27 18.91 -7.22
N PRO A 64 11.21 19.12 -8.02
CA PRO A 64 10.64 18.06 -8.82
C PRO A 64 11.66 17.32 -9.71
N ALA A 65 12.64 18.07 -10.24
CA ALA A 65 13.63 17.50 -11.16
C ALA A 65 14.67 16.67 -10.43
N LYS A 66 15.11 17.12 -9.25
CA LYS A 66 16.05 16.39 -8.41
C LYS A 66 15.41 15.12 -7.89
N PHE A 67 14.10 15.18 -7.70
CA PHE A 67 13.33 14.08 -7.14
C PHE A 67 12.38 13.52 -8.19
N ARG A 68 12.81 13.53 -9.46
CA ARG A 68 12.00 13.08 -10.59
C ARG A 68 11.44 11.69 -10.41
N THR A 69 12.30 10.80 -9.91
CA THR A 69 12.00 9.38 -9.71
C THR A 69 12.19 9.00 -8.23
N LEU A 70 11.57 7.89 -7.83
CA LEU A 70 11.72 7.33 -6.50
C LEU A 70 13.15 6.94 -6.18
N GLN A 71 13.83 6.35 -7.16
CA GLN A 71 15.30 6.13 -7.09
C GLN A 71 16.07 7.43 -6.77
N ASN A 72 15.73 8.51 -7.47
CA ASN A 72 16.30 9.82 -7.23
C ASN A 72 16.18 10.23 -5.78
N ILE A 73 14.95 10.14 -5.24
CA ILE A 73 14.69 10.43 -3.83
C ILE A 73 15.68 9.73 -2.92
N LEU A 74 15.78 8.41 -3.01
CA LEU A 74 16.66 7.63 -2.13
C LEU A 74 18.16 7.97 -2.26
N GLU A 75 18.63 8.20 -3.48
CA GLU A 75 20.04 8.49 -3.70
C GLU A 75 20.42 9.92 -3.28
N VAL A 76 19.54 10.88 -3.57
CA VAL A 76 19.73 12.26 -3.16
C VAL A 76 19.73 12.40 -1.63
N GLU A 77 18.72 11.82 -0.98
CA GLU A 77 18.57 11.93 0.47
C GLU A 77 19.70 11.22 1.21
N LYS A 78 20.19 10.13 0.63
CA LYS A 78 21.35 9.42 1.16
C LYS A 78 22.58 10.36 1.26
N GLU A 79 22.85 11.05 0.15
CA GLU A 79 23.91 12.04 0.06
C GLU A 79 23.67 13.22 1.03
N MET A 80 22.44 13.71 1.01
CA MET A 80 21.95 14.87 1.78
C MET A 80 22.02 14.72 3.31
N TYR A 81 21.87 13.49 3.81
CA TYR A 81 21.72 13.25 5.24
C TYR A 81 22.78 12.35 5.85
N GLY A 82 23.87 12.08 5.13
CA GLY A 82 24.85 11.15 5.68
C GLY A 82 24.26 10.05 6.55
N ALA A 83 24.57 10.10 7.85
CA ALA A 83 24.45 8.93 8.75
C ALA A 83 23.05 8.62 9.31
N GLU A 84 22.13 9.56 9.15
CA GLU A 84 20.80 9.43 9.74
C GLU A 84 19.89 8.64 8.78
N TRP A 85 20.22 8.76 7.49
CA TRP A 85 19.61 7.96 6.43
C TRP A 85 19.92 6.47 6.66
N PRO A 86 18.96 5.55 6.36
CA PRO A 86 17.66 5.74 5.68
C PRO A 86 16.48 6.13 6.60
N LYS A 87 16.76 6.31 7.88
CA LYS A 87 15.72 6.63 8.85
C LYS A 87 15.38 8.15 8.89
N VAL A 88 15.16 8.76 7.72
CA VAL A 88 14.88 10.20 7.60
C VAL A 88 14.07 10.47 6.34
N GLY A 89 13.44 11.64 6.30
CA GLY A 89 12.91 12.24 5.08
C GLY A 89 11.86 11.45 4.33
N ALA A 90 11.86 11.63 3.01
CA ALA A 90 10.92 10.91 2.15
C ALA A 90 11.28 9.43 2.04
N THR A 91 12.56 9.06 2.16
CA THR A 91 12.98 7.64 2.23
C THR A 91 12.24 6.88 3.33
N LEU A 92 12.14 7.49 4.51
CA LEU A 92 11.47 6.85 5.64
C LEU A 92 9.95 6.76 5.43
N ALA A 93 9.39 7.83 4.87
CA ALA A 93 7.95 7.88 4.57
C ALA A 93 7.57 6.77 3.59
N LEU A 94 8.35 6.65 2.52
CA LEU A 94 8.13 5.64 1.48
C LEU A 94 8.42 4.21 1.96
N MET A 95 9.30 4.05 2.95
CA MET A 95 9.52 2.73 3.54
C MET A 95 8.25 2.17 4.19
N TRP A 96 7.47 3.06 4.80
CA TRP A 96 6.23 2.68 5.47
C TRP A 96 5.02 2.71 4.53
N LEU A 97 5.05 3.61 3.54
CA LEU A 97 4.07 3.59 2.47
C LEU A 97 4.07 2.27 1.71
N LYS A 98 5.24 1.83 1.29
CA LYS A 98 5.33 0.58 0.53
C LYS A 98 4.70 -0.63 1.29
N ARG A 99 4.87 -0.63 2.60
CA ARG A 99 4.32 -1.68 3.46
C ARG A 99 2.80 -1.64 3.52
N GLY A 100 2.23 -0.43 3.57
CA GLY A 100 0.77 -0.25 3.52
C GLY A 100 0.23 -0.60 2.14
N LEU A 101 1.02 -0.29 1.10
CA LEU A 101 0.63 -0.61 -0.25
C LEU A 101 0.74 -2.13 -0.52
N ARG A 102 1.84 -2.73 -0.08
CA ARG A 102 2.00 -4.19 -0.13
C ARG A 102 0.90 -4.89 0.62
N PHE A 103 0.47 -4.30 1.73
CA PHE A 103 -0.65 -4.85 2.45
C PHE A 103 -1.88 -4.88 1.57
N ILE A 104 -2.19 -3.76 0.92
CA ILE A 104 -3.38 -3.67 0.09
C ILE A 104 -3.29 -4.68 -1.06
N GLN A 105 -2.10 -4.74 -1.66
CA GLN A 105 -1.80 -5.69 -2.70
C GLN A 105 -2.09 -7.15 -2.31
N VAL A 106 -1.50 -7.63 -1.21
CA VAL A 106 -1.63 -9.01 -0.79
C VAL A 106 -3.10 -9.32 -0.44
N PHE A 107 -3.76 -8.40 0.29
CA PHE A 107 -5.16 -8.55 0.65
C PHE A 107 -6.02 -8.73 -0.60
N LEU A 108 -5.81 -7.87 -1.59
CA LEU A 108 -6.60 -7.92 -2.82
C LEU A 108 -6.31 -9.17 -3.69
N GLN A 109 -5.06 -9.61 -3.72
CA GLN A 109 -4.68 -10.78 -4.50
C GLN A 109 -5.29 -12.04 -3.86
N SER A 110 -5.11 -12.19 -2.56
CA SER A 110 -5.76 -13.22 -1.76
C SER A 110 -7.25 -13.34 -2.07
N ILE A 111 -7.99 -12.23 -2.00
CA ILE A 111 -9.42 -12.23 -2.31
C ILE A 111 -9.65 -12.78 -3.72
N CYS A 112 -9.01 -12.15 -4.70
CA CYS A 112 -9.10 -12.53 -6.11
C CYS A 112 -8.72 -14.01 -6.38
N ASP A 113 -7.81 -14.56 -5.57
CA ASP A 113 -7.35 -15.94 -5.73
C ASP A 113 -8.32 -16.96 -5.12
N GLY A 114 -9.42 -16.47 -4.57
CA GLY A 114 -10.43 -17.32 -4.00
C GLY A 114 -9.97 -18.02 -2.75
N GLU A 115 -9.08 -17.36 -1.99
CA GLU A 115 -8.69 -17.83 -0.67
C GLU A 115 -9.79 -17.45 0.31
N ARG A 116 -10.16 -18.41 1.15
CA ARG A 116 -11.27 -18.24 2.08
C ARG A 116 -11.14 -19.19 3.25
N ASP A 117 -11.83 -18.86 4.34
CA ASP A 117 -12.02 -19.79 5.45
C ASP A 117 -13.25 -20.60 5.11
N GLU A 118 -13.06 -21.89 4.80
CA GLU A 118 -14.18 -22.78 4.42
C GLU A 118 -15.30 -22.73 5.46
N ASN A 119 -14.90 -22.65 6.73
CA ASN A 119 -15.81 -22.60 7.90
C ASN A 119 -16.66 -21.32 7.99
N HIS A 120 -16.03 -20.16 7.79
CA HIS A 120 -16.73 -18.87 7.67
C HIS A 120 -16.32 -18.21 6.33
N PRO A 121 -17.04 -18.54 5.23
CA PRO A 121 -16.62 -18.23 3.86
C PRO A 121 -16.91 -16.83 3.30
N ASN A 122 -17.83 -16.09 3.91
CA ASN A 122 -18.16 -14.74 3.43
C ASN A 122 -17.45 -13.63 4.21
N LEU A 123 -16.39 -14.02 4.92
CA LEU A 123 -15.59 -13.09 5.69
C LEU A 123 -14.30 -12.83 4.95
N ILE A 124 -13.61 -11.76 5.32
CA ILE A 124 -12.31 -11.44 4.73
C ILE A 124 -11.18 -11.52 5.77
N ARG A 125 -11.46 -12.18 6.89
CA ARG A 125 -10.50 -12.28 8.01
C ARG A 125 -9.21 -12.94 7.54
N VAL A 126 -9.34 -14.05 6.82
CA VAL A 126 -8.19 -14.85 6.41
C VAL A 126 -7.30 -14.12 5.39
N ASN A 127 -7.92 -13.27 4.58
CA ASN A 127 -7.22 -12.48 3.54
C ASN A 127 -6.47 -11.31 4.14
N ALA A 128 -7.15 -10.62 5.06
CA ALA A 128 -6.59 -9.54 5.84
C ALA A 128 -5.45 -10.01 6.75
N THR A 129 -5.62 -11.19 7.35
CA THR A 129 -4.61 -11.81 8.22
C THR A 129 -3.36 -12.17 7.45
N LYS A 130 -3.49 -12.86 6.33
CA LYS A 130 -2.36 -13.09 5.41
C LYS A 130 -1.62 -11.80 4.96
N ALA A 131 -2.38 -10.80 4.51
CA ALA A 131 -1.79 -9.55 4.07
C ALA A 131 -0.96 -8.89 5.17
N TYR A 132 -1.51 -8.88 6.39
CA TYR A 132 -0.84 -8.33 7.56
C TYR A 132 0.43 -9.11 7.88
N GLU A 133 0.37 -10.43 7.85
CA GLU A 133 1.53 -11.27 8.13
C GLU A 133 2.65 -11.04 7.12
N MET A 134 2.26 -10.80 5.87
CA MET A 134 3.22 -10.67 4.79
C MET A 134 3.82 -9.25 4.71
N ALA A 135 3.02 -8.23 4.99
CA ALA A 135 3.44 -6.83 4.80
C ALA A 135 3.88 -6.09 6.07
N LEU A 136 3.17 -6.29 7.17
CA LEU A 136 3.29 -5.40 8.32
C LEU A 136 3.73 -6.04 9.64
N LYS A 137 3.33 -7.28 9.89
CA LYS A 137 3.47 -7.92 11.21
C LYS A 137 4.86 -7.92 11.82
N LYS A 138 5.90 -8.18 11.02
CA LYS A 138 7.25 -8.26 11.59
C LYS A 138 7.82 -6.90 12.05
N TYR A 139 7.09 -5.82 11.77
CA TYR A 139 7.50 -4.45 12.12
C TYR A 139 6.63 -3.87 13.22
N HIS A 140 5.76 -4.71 13.77
CA HIS A 140 4.93 -4.33 14.89
C HIS A 140 5.31 -5.08 16.16
N GLY A 141 5.50 -4.32 17.25
CA GLY A 141 5.56 -4.91 18.59
C GLY A 141 4.25 -5.58 18.95
N TRP A 142 4.22 -6.29 20.07
CA TRP A 142 3.04 -7.07 20.40
C TRP A 142 1.77 -6.24 20.65
N ILE A 143 1.92 -5.02 21.16
CA ILE A 143 0.76 -4.15 21.41
C ILE A 143 -0.03 -3.78 20.11
N VAL A 144 0.69 -3.33 19.08
CA VAL A 144 0.09 -2.97 17.81
C VAL A 144 -0.52 -4.20 17.13
N GLN A 145 0.12 -5.35 17.33
CA GLN A 145 -0.41 -6.63 16.85
C GLN A 145 -1.76 -6.96 17.47
N LYS A 146 -1.84 -6.84 18.79
CA LYS A 146 -3.09 -7.08 19.50
C LYS A 146 -4.16 -6.09 19.06
N ILE A 147 -3.73 -4.87 18.72
CA ILE A 147 -4.63 -3.88 18.14
C ILE A 147 -5.14 -4.25 16.75
N PHE A 148 -4.25 -4.66 15.84
CA PHE A 148 -4.70 -5.19 14.54
C PHE A 148 -5.71 -6.35 14.69
N GLN A 149 -5.42 -7.29 15.59
CA GLN A 149 -6.34 -8.39 15.90
C GLN A 149 -7.75 -7.90 16.20
N ALA A 150 -7.85 -6.86 17.04
CA ALA A 150 -9.15 -6.31 17.42
C ALA A 150 -9.78 -5.58 16.25
N ALA A 151 -8.98 -4.77 15.56
CA ALA A 151 -9.44 -3.97 14.41
C ALA A 151 -10.03 -4.83 13.29
N LEU A 152 -9.58 -6.08 13.26
CA LEU A 152 -9.95 -7.04 12.22
C LEU A 152 -11.42 -7.39 12.23
N TYR A 153 -12.06 -7.31 13.39
CA TYR A 153 -13.46 -7.66 13.48
C TYR A 153 -14.38 -6.55 12.98
N ALA A 154 -13.81 -5.40 12.65
CA ALA A 154 -14.56 -4.30 12.04
C ALA A 154 -14.64 -4.45 10.51
N ALA A 155 -13.94 -5.46 9.97
CA ALA A 155 -13.97 -5.78 8.54
C ALA A 155 -15.36 -6.19 8.04
N PRO A 156 -15.78 -5.65 6.87
CA PRO A 156 -17.09 -6.04 6.34
C PRO A 156 -17.08 -7.49 5.87
N TYR A 157 -18.23 -7.96 5.40
CA TYR A 157 -18.29 -9.24 4.70
C TYR A 157 -17.61 -9.08 3.34
N LYS A 158 -17.13 -10.19 2.79
CA LYS A 158 -16.60 -10.19 1.42
C LYS A 158 -17.64 -9.59 0.49
N SER A 159 -18.88 -10.08 0.59
CA SER A 159 -19.99 -9.64 -0.26
C SER A 159 -20.24 -8.14 -0.23
N ASP A 160 -20.22 -7.55 0.97
CA ASP A 160 -20.48 -6.11 1.09
C ASP A 160 -19.29 -5.27 0.64
N PHE A 161 -18.09 -5.78 0.90
CA PHE A 161 -16.84 -5.09 0.59
C PHE A 161 -16.70 -4.89 -0.92
N LEU A 162 -17.03 -5.94 -1.68
CA LEU A 162 -16.93 -5.92 -3.13
C LEU A 162 -18.03 -5.04 -3.71
N LYS A 163 -19.19 -5.10 -3.08
CA LYS A 163 -20.32 -4.23 -3.42
C LYS A 163 -19.98 -2.77 -3.12
N ALA A 164 -19.18 -2.54 -2.09
CA ALA A 164 -18.74 -1.20 -1.72
C ALA A 164 -17.69 -0.60 -2.69
N LEU A 165 -16.98 -1.47 -3.40
CA LEU A 165 -15.97 -1.04 -4.37
C LEU A 165 -16.61 -0.73 -5.73
N SER A 166 -17.74 -1.37 -6.02
CA SER A 166 -18.54 -1.03 -7.18
C SER A 166 -19.53 0.08 -6.78
N LYS A 167 -18.97 1.26 -6.54
CA LYS A 167 -19.70 2.39 -6.00
C LYS A 167 -19.74 3.54 -7.00
N GLN A 169 -21.33 0.87 -11.23
CA GLN A 169 -21.79 0.29 -9.97
C GLN A 169 -22.84 -0.80 -10.20
N ASN A 170 -23.14 -1.08 -11.47
CA ASN A 170 -24.18 -2.04 -11.82
C ASN A 170 -23.55 -3.34 -12.33
N VAL A 171 -22.80 -4.01 -11.45
CA VAL A 171 -21.81 -5.00 -11.86
C VAL A 171 -21.79 -6.24 -10.94
N THR A 172 -21.62 -7.44 -11.51
CA THR A 172 -21.56 -8.68 -10.73
C THR A 172 -20.26 -8.81 -9.95
N GLU A 173 -20.25 -9.70 -8.97
CA GLU A 173 -19.07 -9.94 -8.17
C GLU A 173 -17.85 -10.36 -9.00
N GLU A 174 -18.10 -11.26 -9.95
CA GLU A 174 -17.07 -11.79 -10.83
C GLU A 174 -16.47 -10.69 -11.71
N GLU A 175 -17.33 -9.77 -12.14
CA GLU A 175 -16.92 -8.63 -12.95
C GLU A 175 -16.02 -7.76 -12.11
N CYS A 176 -16.49 -7.45 -10.90
CA CYS A 176 -15.73 -6.66 -9.94
C CYS A 176 -14.32 -7.20 -9.66
N LEU A 177 -14.21 -8.51 -9.48
CA LEU A 177 -12.93 -9.15 -9.22
C LEU A 177 -11.99 -9.11 -10.43
N GLU A 178 -12.56 -9.23 -11.62
CA GLU A 178 -11.79 -9.09 -12.85
C GLU A 178 -11.18 -7.70 -12.96
N LYS A 179 -11.93 -6.70 -12.52
CA LYS A 179 -11.44 -5.32 -12.50
C LYS A 179 -10.28 -5.17 -11.52
N ILE A 180 -10.46 -5.69 -10.31
CA ILE A 180 -9.39 -5.71 -9.33
C ILE A 180 -8.14 -6.41 -9.86
N ARG A 181 -8.31 -7.55 -10.53
CA ARG A 181 -7.17 -8.29 -11.12
C ARG A 181 -6.38 -7.46 -12.13
N LEU A 182 -7.09 -6.62 -12.90
CA LEU A 182 -6.48 -5.72 -13.88
C LEU A 182 -5.67 -4.60 -13.17
N PHE A 183 -6.22 -4.07 -12.09
CA PHE A 183 -5.55 -3.10 -11.25
C PHE A 183 -4.24 -3.65 -10.63
N LEU A 184 -4.28 -4.89 -10.18
CA LEU A 184 -3.16 -5.54 -9.50
C LEU A 184 -1.94 -5.81 -10.38
N VAL A 185 -2.10 -5.70 -11.70
CA VAL A 185 -0.99 -5.93 -12.63
C VAL A 185 0.13 -4.91 -12.43
N ASN A 186 -0.12 -3.65 -12.78
CA ASN A 186 0.90 -2.62 -12.65
C ASN A 186 1.11 -2.24 -11.20
N TYR A 187 0.07 -2.36 -10.37
CA TYR A 187 0.20 -2.14 -8.94
C TYR A 187 1.30 -3.02 -8.31
N THR A 188 1.14 -4.34 -8.42
CA THR A 188 2.11 -5.30 -7.89
C THR A 188 3.51 -5.07 -8.45
N ALA A 189 3.59 -4.87 -9.77
CA ALA A 189 4.84 -4.67 -10.45
C ALA A 189 5.56 -3.47 -9.88
N THR A 190 4.82 -2.36 -9.73
CA THR A 190 5.35 -1.12 -9.14
C THR A 190 5.84 -1.31 -7.71
N ILE A 191 5.02 -1.88 -6.84
CA ILE A 191 5.46 -2.14 -5.46
C ILE A 191 6.65 -3.07 -5.42
N ASP A 192 6.67 -4.08 -6.30
CA ASP A 192 7.80 -5.01 -6.31
C ASP A 192 9.09 -4.25 -6.61
N VAL A 193 9.00 -3.29 -7.52
CA VAL A 193 10.16 -2.48 -7.89
C VAL A 193 10.62 -1.58 -6.74
N ILE A 194 9.67 -1.00 -6.00
CA ILE A 194 10.02 -0.16 -4.87
C ILE A 194 10.74 -0.99 -3.81
N TYR A 195 10.25 -2.20 -3.53
CA TYR A 195 10.85 -3.08 -2.54
C TYR A 195 12.25 -3.53 -2.94
N GLU A 196 12.40 -3.81 -4.23
CA GLU A 196 13.68 -4.17 -4.80
C GLU A 196 14.68 -3.01 -4.66
N MET A 197 14.20 -1.78 -4.86
CA MET A 197 15.01 -0.58 -4.69
C MET A 197 15.49 -0.37 -3.25
N TYR A 198 14.67 -0.72 -2.27
CA TYR A 198 15.08 -0.62 -0.88
C TYR A 198 16.14 -1.65 -0.53
N THR A 199 16.09 -2.80 -1.20
CA THR A 199 17.06 -3.87 -0.99
C THR A 199 18.42 -3.54 -1.62
N GLN A 200 18.42 -3.04 -2.86
CA GLN A 200 19.66 -2.67 -3.53
C GLN A 200 20.36 -1.47 -2.90
N MET A 201 19.57 -0.55 -2.33
CA MET A 201 20.10 0.71 -1.77
C MET A 201 20.48 0.51 -0.32
N ASN A 202 20.18 -0.68 0.20
CA ASN A 202 20.33 -1.06 1.60
C ASN A 202 19.51 -0.18 2.56
N ALA A 203 18.36 0.28 2.10
CA ALA A 203 17.60 1.32 2.79
C ALA A 203 16.47 0.75 3.63
N GLU A 204 16.33 -0.57 3.62
CA GLU A 204 15.30 -1.24 4.39
C GLU A 204 15.70 -1.30 5.86
N LEU A 205 14.76 -1.03 6.76
CA LEU A 205 15.04 -1.12 8.18
C LEU A 205 14.03 -2.07 8.84
N ASN A 206 14.35 -2.59 10.02
CA ASN A 206 13.54 -3.64 10.63
C ASN A 206 13.00 -3.31 12.01
N TYR A 207 13.15 -2.07 12.44
CA TYR A 207 12.69 -1.68 13.76
C TYR A 207 11.18 -1.84 13.88
N LYS A 208 10.75 -2.29 15.05
CA LYS A 208 9.33 -2.52 15.32
C LYS A 208 8.74 -1.26 15.94
N VAL A 209 7.42 -1.15 15.87
CA VAL A 209 6.72 -0.06 16.56
C VAL A 209 5.79 -0.52 17.66
C2 BGC B . 4.69 6.37 9.82
C3 BGC B . 5.93 7.06 9.30
C4 BGC B . 6.89 7.46 10.41
C5 BGC B . 7.34 6.19 11.16
C6 BGC B . 8.18 6.53 12.40
C1 BGC B . 4.91 5.52 11.10
O1 BGC B . 4.32 4.25 10.96
O2 BGC B . 4.08 5.61 8.79
O3 BGC B . 5.58 8.19 8.51
O4 BGC B . 8.03 8.03 9.82
O5 BGC B . 6.26 5.33 11.54
O6 BGC B . 8.87 5.36 12.80
C1 GAL B . 8.49 9.31 10.20
C2 GAL B . 7.62 10.45 9.67
C3 GAL B . 8.16 11.81 10.12
C4 GAL B . 8.36 11.82 11.64
C5 GAL B . 9.21 10.60 12.01
C6 GAL B . 9.63 10.51 13.47
O2 GAL B . 7.64 10.37 8.26
O3 GAL B . 7.32 12.86 9.71
O4 GAL B . 7.12 11.82 12.32
O5 GAL B . 8.57 9.39 11.62
O6 GAL B . 10.85 9.80 13.49
C1 SPH C . 4.36 3.16 11.71
C2 SPH C . 3.04 2.40 11.77
N2 SPH C . 2.55 2.13 10.42
C3 SPH C . 1.95 3.13 12.57
O3 SPH C . 2.40 3.26 13.93
C4 SPH C . 0.62 2.40 12.52
C5 SPH C . -0.53 3.04 12.23
C6 SPH C . -1.89 2.35 12.34
C7 SPH C . -2.63 2.67 13.64
C8 SPH C . -2.19 1.77 14.81
C9 SPH C . -2.04 2.55 16.11
C10 SPH C . -3.00 2.01 17.18
C11 SPH C . -3.39 3.09 18.18
C12 SPH C . -4.76 2.79 18.79
C13 SPH C . -5.40 4.04 19.42
C14 SPH C . -5.37 4.00 20.95
C15 SPH C . -6.66 3.46 21.56
C16 SPH C . -7.83 4.45 21.47
C17 SPH C . -8.94 4.11 22.45
C18 SPH C . -9.88 5.30 22.60
C1 OCA D . 2.39 1.43 9.39
C2 OCA D . 1.53 1.22 8.16
C3 OCA D . 0.05 1.32 8.54
C4 OCA D . -0.81 1.00 7.33
C5 OCA D . -1.90 0.01 7.71
C6 OCA D . -2.34 -0.77 6.48
C7 OCA D . -3.35 -1.83 6.91
C8 OCA D . -4.69 -1.58 6.26
O1 OCA D . 2.23 0.33 10.31
C1 OCT E . -0.45 14.03 -5.32
C2 OCT E . -0.23 13.57 -3.90
C3 OCT E . -0.91 14.53 -2.91
C4 OCT E . -0.88 14.02 -1.47
C5 OCT E . -2.20 13.30 -1.15
C6 OCT E . -2.30 12.78 0.27
C7 OCT E . -2.84 11.34 0.32
C8 OCT E . -4.34 11.23 0.12
C1 D10 F . -8.22 -4.73 7.65
C2 D10 F . -8.99 -4.85 6.25
C3 D10 F . -8.43 -3.72 5.37
C4 D10 F . -8.92 -3.74 3.90
C5 D10 F . -8.10 -2.64 3.14
C6 D10 F . -8.21 -2.77 1.62
C7 D10 F . -8.06 -1.39 0.98
C8 D10 F . -8.91 -1.25 -0.28
C9 D10 F . -8.16 -0.46 -1.34
C10 D10 F . -8.55 -0.94 -2.73
#